data_2UUG
#
_entry.id   2UUG
#
_cell.length_a   57.047
_cell.length_b   86.515
_cell.length_c   113.385
_cell.angle_alpha   90.00
_cell.angle_beta   90.00
_cell.angle_gamma   90.00
#
_symmetry.space_group_name_H-M   'P 21 21 21'
#
loop_
_entity.id
_entity.type
_entity.pdbx_description
1 polymer 'URACIL-DNA GLYCOSYLASE'
2 polymer 'URACIL-DNA GLYCOSYLASE INHIBITOR'
3 water water
#
loop_
_entity_poly.entity_id
_entity_poly.type
_entity_poly.pdbx_seq_one_letter_code
_entity_poly.pdbx_strand_id
1 'polypeptide(L)'
;MANELTWHDVLAEEKQQPYFLNTLQTVASERQSGVTIYPPQKDVFNAFRFTELGDVKVVILGQDPYHGPGQAHGLAFSVR
PGIAIPPSLLNMYKELENTIPGFTRPNHGYLESWARQGVLLLNTVLTVRAGQAHSHASLGWETFTDKVISLINQHREGVV
FLLWGSHAQKKGAIIDKQRHHVLKAPDPSPLSAHRGFFGCNHFVLANQWLEQRGETPIDWMPVLPAESE
;
A,B
2 'polypeptide(L)'
;MTNLSDIIEKETGKQLVIQESILMLPEEVEEVIGNKPESDILVHTAYDESTDENVMLLTSDAPEYKPWALVIQDSNGENK
IKML
;
C,D
#
# COMPACT_ATOMS: atom_id res chain seq x y z
N LEU A 5 -11.03 31.76 5.83
CA LEU A 5 -10.79 30.46 6.52
C LEU A 5 -9.47 30.48 7.33
N THR A 6 -9.54 30.90 8.58
CA THR A 6 -8.35 30.93 9.44
C THR A 6 -8.52 29.93 10.59
N TRP A 7 -7.44 29.69 11.33
CA TRP A 7 -7.47 28.76 12.44
C TRP A 7 -8.33 29.29 13.59
N HIS A 8 -8.22 30.58 13.87
CA HIS A 8 -9.01 31.21 14.93
C HIS A 8 -10.50 31.13 14.62
N ASP A 9 -10.83 31.03 13.34
CA ASP A 9 -12.22 30.93 12.88
C ASP A 9 -12.80 29.53 13.01
N VAL A 10 -12.06 28.52 12.55
CA VAL A 10 -12.55 27.14 12.63
C VAL A 10 -12.26 26.43 13.98
N LEU A 11 -11.16 26.83 14.63
CA LEU A 11 -10.78 26.25 15.92
C LEU A 11 -11.35 26.97 17.14
N ALA A 12 -11.99 28.12 16.91
CA ALA A 12 -12.57 28.89 18.00
C ALA A 12 -13.48 28.07 18.92
N GLU A 13 -14.41 27.33 18.31
CA GLU A 13 -15.35 26.51 19.09
C GLU A 13 -14.65 25.37 19.83
N GLU A 14 -13.55 24.89 19.26
CA GLU A 14 -12.79 23.80 19.85
C GLU A 14 -11.96 24.26 21.06
N LYS A 15 -11.55 25.53 21.05
CA LYS A 15 -10.76 26.11 22.15
C LYS A 15 -11.57 26.14 23.46
N GLN A 16 -12.89 26.13 23.31
CA GLN A 16 -13.84 26.18 24.43
C GLN A 16 -14.06 24.84 25.10
N GLN A 17 -13.88 23.75 24.35
CA GLN A 17 -14.07 22.39 24.84
C GLN A 17 -13.36 22.10 26.17
N PRO A 18 -14.08 21.46 27.11
CA PRO A 18 -13.57 21.10 28.44
C PRO A 18 -12.27 20.31 28.42
N TYR A 19 -12.17 19.35 27.50
CA TYR A 19 -10.97 18.51 27.38
C TYR A 19 -9.75 19.32 26.96
N PHE A 20 -9.98 20.34 26.13
CA PHE A 20 -8.91 21.20 25.65
C PHE A 20 -8.33 22.09 26.75
N LEU A 21 -9.23 22.70 27.52
CA LEU A 21 -8.82 23.56 28.62
C LEU A 21 -8.10 22.72 29.66
N ASN A 22 -8.58 21.48 29.84
CA ASN A 22 -8.02 20.49 30.76
C ASN A 22 -6.56 20.24 30.37
N THR A 23 -6.31 20.04 29.07
CA THR A 23 -4.96 19.77 28.59
C THR A 23 -4.02 20.97 28.84
N LEU A 24 -4.36 22.14 28.32
CA LEU A 24 -3.51 23.33 28.51
C LEU A 24 -3.22 23.61 29.98
N GLN A 25 -4.24 23.39 30.80
CA GLN A 25 -4.16 23.62 32.23
C GLN A 25 -3.23 22.60 32.91
N THR A 26 -3.22 21.36 32.42
CA THR A 26 -2.35 20.33 32.97
C THR A 26 -0.90 20.66 32.62
N VAL A 27 -0.66 21.00 31.35
CA VAL A 27 0.66 21.36 30.86
C VAL A 27 1.17 22.56 31.65
N ALA A 28 0.35 23.61 31.70
CA ALA A 28 0.69 24.86 32.40
C ALA A 28 0.98 24.64 33.89
N SER A 29 0.20 23.76 34.52
CA SER A 29 0.36 23.45 35.93
C SER A 29 1.69 22.75 36.18
N GLU A 30 2.05 21.87 35.25
CA GLU A 30 3.31 21.15 35.34
C GLU A 30 4.48 22.09 35.14
N ARG A 31 4.34 23.05 34.23
CA ARG A 31 5.40 24.03 34.00
C ARG A 31 5.58 24.83 35.28
N GLN A 32 4.47 25.23 35.89
CA GLN A 32 4.49 26.02 37.11
C GLN A 32 5.09 25.27 38.28
N SER A 33 4.91 23.94 38.28
CA SER A 33 5.44 23.11 39.36
C SER A 33 6.91 22.74 39.19
N GLY A 34 7.59 23.34 38.22
CA GLY A 34 8.99 23.04 38.01
C GLY A 34 9.32 21.89 37.07
N VAL A 35 8.33 21.46 36.29
CA VAL A 35 8.50 20.37 35.33
C VAL A 35 8.81 21.00 33.97
N THR A 36 10.06 20.90 33.54
CA THR A 36 10.46 21.44 32.24
C THR A 36 9.75 20.69 31.10
N ILE A 37 9.07 21.44 30.24
CA ILE A 37 8.33 20.90 29.11
C ILE A 37 8.71 21.57 27.78
N TYR A 38 8.82 20.77 26.72
CA TYR A 38 9.22 21.26 25.40
C TYR A 38 8.11 21.13 24.39
N PRO A 39 8.00 22.10 23.47
CA PRO A 39 8.87 23.27 23.41
C PRO A 39 8.38 24.34 24.40
N PRO A 40 9.05 25.51 24.46
CA PRO A 40 8.61 26.56 25.38
C PRO A 40 7.15 26.88 25.06
N GLN A 41 6.37 27.32 26.04
CA GLN A 41 4.97 27.61 25.78
C GLN A 41 4.73 28.50 24.56
N LYS A 42 5.67 29.42 24.31
CA LYS A 42 5.55 30.33 23.17
C LYS A 42 5.61 29.64 21.81
N ASP A 43 6.16 28.43 21.76
CA ASP A 43 6.30 27.69 20.51
C ASP A 43 5.35 26.51 20.29
N VAL A 44 4.50 26.24 21.26
CA VAL A 44 3.60 25.10 21.14
C VAL A 44 2.66 25.12 19.92
N PHE A 45 2.22 26.29 19.49
CA PHE A 45 1.32 26.37 18.34
C PHE A 45 1.95 26.98 17.09
N ASN A 46 3.27 26.90 16.96
CA ASN A 46 3.97 27.45 15.80
C ASN A 46 3.53 26.87 14.46
N ALA A 47 3.21 25.59 14.42
CA ALA A 47 2.79 24.96 13.16
C ALA A 47 1.62 25.70 12.53
N PHE A 48 0.67 26.13 13.35
CA PHE A 48 -0.51 26.86 12.87
C PHE A 48 -0.17 28.31 12.56
N ARG A 49 0.81 28.83 13.31
CA ARG A 49 1.30 30.19 13.16
C ARG A 49 1.89 30.33 11.75
N PHE A 50 2.86 29.48 11.43
CA PHE A 50 3.54 29.48 10.14
C PHE A 50 2.69 29.11 8.94
N THR A 51 1.76 28.18 9.14
CA THR A 51 0.89 27.72 8.07
C THR A 51 -0.59 27.93 8.38
N GLU A 52 -1.20 28.93 7.74
CA GLU A 52 -2.63 29.23 7.94
C GLU A 52 -3.47 28.16 7.22
N LEU A 53 -4.77 28.10 7.49
CA LEU A 53 -5.65 27.09 6.90
C LEU A 53 -5.76 27.08 5.37
N GLY A 54 -5.97 28.24 4.77
CA GLY A 54 -6.08 28.29 3.32
C GLY A 54 -4.75 27.99 2.64
N ASP A 55 -3.65 28.11 3.38
CA ASP A 55 -2.32 27.87 2.83
C ASP A 55 -1.84 26.42 2.90
N VAL A 56 -2.54 25.58 3.65
CA VAL A 56 -2.14 24.18 3.77
C VAL A 56 -2.22 23.46 2.44
N LYS A 57 -1.06 22.97 1.99
CA LYS A 57 -0.99 22.22 0.74
C LYS A 57 -0.56 20.79 1.04
N VAL A 58 0.40 20.65 1.97
CA VAL A 58 0.90 19.33 2.38
C VAL A 58 0.82 19.21 3.89
N VAL A 59 0.42 18.03 4.36
CA VAL A 59 0.33 17.78 5.78
C VAL A 59 1.20 16.61 6.13
N ILE A 60 2.24 16.88 6.92
CA ILE A 60 3.16 15.83 7.37
C ILE A 60 3.02 15.68 8.88
N LEU A 61 2.59 14.50 9.31
CA LEU A 61 2.39 14.22 10.74
C LEU A 61 3.60 13.63 11.46
N GLY A 62 3.84 14.15 12.65
CA GLY A 62 4.91 13.68 13.51
C GLY A 62 4.20 13.12 14.73
N GLN A 63 4.94 12.74 15.77
CA GLN A 63 4.29 12.19 16.96
C GLN A 63 4.32 13.23 18.08
N ASP A 64 5.42 13.32 18.80
CA ASP A 64 5.52 14.32 19.86
C ASP A 64 6.82 15.10 19.72
N PRO A 65 6.91 16.28 20.33
CA PRO A 65 8.14 17.07 20.21
C PRO A 65 9.36 16.39 20.81
N TYR A 66 10.53 16.76 20.32
CA TYR A 66 11.81 16.22 20.82
C TYR A 66 11.91 16.53 22.30
N HIS A 67 12.47 15.60 23.08
CA HIS A 67 12.58 15.78 24.52
C HIS A 67 13.92 16.31 25.01
N GLY A 68 14.80 16.67 24.09
CA GLY A 68 16.11 17.20 24.46
C GLY A 68 16.17 18.72 24.42
N PRO A 69 17.04 19.33 25.24
CA PRO A 69 17.20 20.79 25.30
C PRO A 69 17.56 21.49 24.01
N GLY A 70 16.69 22.43 23.62
CA GLY A 70 16.89 23.21 22.42
C GLY A 70 16.55 22.60 21.07
N GLN A 71 16.00 21.39 21.05
CA GLN A 71 15.65 20.72 19.81
C GLN A 71 14.33 21.21 19.19
N ALA A 72 13.23 20.92 19.88
CA ALA A 72 11.92 21.29 19.40
C ALA A 72 11.63 22.78 19.41
N HIS A 73 10.78 23.22 18.48
CA HIS A 73 10.38 24.61 18.39
C HIS A 73 9.00 24.78 17.75
N GLY A 74 8.13 23.80 17.96
CA GLY A 74 6.79 23.89 17.43
C GLY A 74 6.47 23.23 16.10
N LEU A 75 7.49 22.85 15.33
CA LEU A 75 7.27 22.17 14.06
C LEU A 75 7.64 20.70 14.16
N ALA A 76 6.91 19.84 13.45
CA ALA A 76 7.20 18.42 13.45
C ALA A 76 8.50 18.18 12.69
N PHE A 77 9.29 17.22 13.15
CA PHE A 77 10.56 16.85 12.52
C PHE A 77 11.68 17.88 12.57
N SER A 78 11.30 19.16 12.55
CA SER A 78 12.26 20.25 12.56
C SER A 78 12.92 20.51 13.91
N VAL A 79 14.20 20.82 13.86
CA VAL A 79 15.01 21.18 15.04
C VAL A 79 15.57 22.59 14.78
N ARG A 80 15.86 23.33 15.84
CA ARG A 80 16.39 24.69 15.68
C ARG A 80 17.79 24.66 15.08
N PRO A 81 18.30 25.85 14.68
CA PRO A 81 19.65 25.93 14.10
C PRO A 81 20.70 25.62 15.17
N GLY A 82 21.73 24.86 14.79
CA GLY A 82 22.79 24.50 15.73
C GLY A 82 22.57 23.14 16.35
N ILE A 83 21.39 22.57 16.09
CA ILE A 83 21.03 21.25 16.60
C ILE A 83 21.39 20.21 15.52
N ALA A 84 21.93 19.07 15.96
CA ALA A 84 22.28 17.98 15.05
C ALA A 84 21.01 17.46 14.40
N ILE A 85 21.11 17.13 13.11
CA ILE A 85 19.98 16.61 12.38
C ILE A 85 19.63 15.26 13.00
N PRO A 86 18.38 15.11 13.47
CA PRO A 86 17.95 13.85 14.07
C PRO A 86 17.97 12.76 12.99
N PRO A 87 18.15 11.49 13.39
CA PRO A 87 18.19 10.38 12.44
C PRO A 87 17.06 10.36 11.40
N SER A 88 15.81 10.49 11.85
CA SER A 88 14.66 10.47 10.94
C SER A 88 14.72 11.56 9.88
N LEU A 89 14.95 12.80 10.29
CA LEU A 89 15.04 13.91 9.36
C LEU A 89 16.15 13.62 8.38
N LEU A 90 17.22 12.99 8.86
CA LEU A 90 18.34 12.63 8.00
C LEU A 90 17.86 11.70 6.88
N ASN A 91 17.03 10.71 7.22
CA ASN A 91 16.49 9.77 6.25
C ASN A 91 15.53 10.45 5.30
N MET A 92 14.89 11.52 5.77
CA MET A 92 13.96 12.30 4.93
C MET A 92 14.79 12.99 3.87
N TYR A 93 15.99 13.40 4.29
CA TYR A 93 16.95 14.07 3.44
C TYR A 93 17.47 13.09 2.41
N LYS A 94 17.88 11.91 2.86
CA LYS A 94 18.41 10.89 1.96
C LYS A 94 17.42 10.54 0.86
N GLU A 95 16.13 10.56 1.17
CA GLU A 95 15.09 10.27 0.16
C GLU A 95 14.88 11.46 -0.79
N LEU A 96 15.05 12.67 -0.29
CA LEU A 96 14.89 13.88 -1.08
C LEU A 96 16.04 14.01 -2.06
N GLU A 97 17.25 13.67 -1.62
CA GLU A 97 18.42 13.76 -2.48
C GLU A 97 18.30 12.82 -3.65
N ASN A 98 17.77 11.64 -3.36
CA ASN A 98 17.60 10.60 -4.35
C ASN A 98 16.53 10.92 -5.39
N THR A 99 15.54 11.71 -4.99
CA THR A 99 14.42 12.02 -5.89
C THR A 99 14.22 13.46 -6.40
N ILE A 100 14.52 14.46 -5.58
CA ILE A 100 14.31 15.84 -6.00
C ILE A 100 15.50 16.46 -6.71
N PRO A 101 15.32 16.82 -8.00
CA PRO A 101 16.38 17.43 -8.81
C PRO A 101 16.83 18.74 -8.18
N GLY A 102 18.14 18.89 -8.01
CA GLY A 102 18.70 20.10 -7.42
C GLY A 102 18.87 20.07 -5.91
N PHE A 103 18.35 19.02 -5.27
CA PHE A 103 18.43 18.88 -3.82
C PHE A 103 19.76 18.28 -3.38
N THR A 104 20.43 18.97 -2.46
CA THR A 104 21.68 18.50 -1.88
C THR A 104 21.45 18.56 -0.39
N ARG A 105 21.94 17.55 0.33
CA ARG A 105 21.79 17.47 1.78
C ARG A 105 22.17 18.78 2.49
N PRO A 106 21.28 19.30 3.34
CA PRO A 106 21.55 20.53 4.09
C PRO A 106 22.47 20.22 5.28
N ASN A 107 22.83 21.26 6.02
CA ASN A 107 23.70 21.13 7.16
C ASN A 107 22.97 21.43 8.48
N HIS A 108 21.64 21.50 8.41
CA HIS A 108 20.82 21.81 9.58
C HIS A 108 19.47 21.12 9.43
N GLY A 109 18.61 21.25 10.45
CA GLY A 109 17.31 20.62 10.39
C GLY A 109 16.15 21.57 10.56
N TYR A 110 16.40 22.86 10.39
CA TYR A 110 15.37 23.89 10.53
C TYR A 110 14.47 23.97 9.29
N LEU A 111 13.20 23.60 9.45
CA LEU A 111 12.24 23.56 8.34
C LEU A 111 11.16 24.63 8.28
N GLU A 112 11.46 25.86 8.73
CA GLU A 112 10.47 26.94 8.70
C GLU A 112 10.03 27.24 7.27
N SER A 113 10.97 27.17 6.32
CA SER A 113 10.68 27.42 4.92
C SER A 113 9.63 26.46 4.35
N TRP A 114 9.53 25.25 4.90
CA TRP A 114 8.53 24.27 4.45
C TRP A 114 7.17 24.78 4.90
N ALA A 115 7.09 25.14 6.18
CA ALA A 115 5.87 25.67 6.76
C ALA A 115 5.41 26.93 6.03
N ARG A 116 6.36 27.73 5.58
CA ARG A 116 6.08 28.97 4.86
C ARG A 116 5.51 28.69 3.46
N GLN A 117 5.75 27.47 2.96
CA GLN A 117 5.28 27.08 1.64
C GLN A 117 4.00 26.26 1.64
N GLY A 118 3.40 26.09 2.81
CA GLY A 118 2.16 25.34 2.90
C GLY A 118 2.27 23.94 3.44
N VAL A 119 3.40 23.61 4.08
CA VAL A 119 3.57 22.29 4.66
C VAL A 119 3.28 22.34 6.16
N LEU A 120 2.09 21.88 6.54
CA LEU A 120 1.72 21.86 7.96
C LEU A 120 2.48 20.72 8.63
N LEU A 121 3.55 21.09 9.33
CA LEU A 121 4.37 20.12 10.05
C LEU A 121 3.77 20.01 11.45
N LEU A 122 2.80 19.10 11.54
CA LEU A 122 2.04 18.88 12.75
C LEU A 122 2.35 17.59 13.52
N ASN A 123 2.64 17.75 14.82
CA ASN A 123 2.88 16.64 15.71
C ASN A 123 1.51 16.35 16.29
N THR A 124 1.19 15.07 16.50
CA THR A 124 -0.12 14.71 17.05
C THR A 124 -0.29 15.06 18.55
N VAL A 125 0.85 15.20 19.25
CA VAL A 125 0.94 15.58 20.67
C VAL A 125 1.88 16.78 20.68
N LEU A 126 1.37 17.95 21.06
CA LEU A 126 2.15 19.18 21.03
C LEU A 126 3.12 19.53 22.16
N THR A 127 3.29 18.63 23.13
CA THR A 127 4.22 18.88 24.23
C THR A 127 4.79 17.56 24.71
N VAL A 128 5.80 17.66 25.56
CA VAL A 128 6.50 16.51 26.14
C VAL A 128 7.27 16.98 27.38
N ARG A 129 7.40 16.11 28.38
CA ARG A 129 8.18 16.47 29.57
C ARG A 129 9.64 16.24 29.18
N ALA A 130 10.48 17.23 29.47
CA ALA A 130 11.90 17.12 29.15
C ALA A 130 12.48 15.82 29.64
N GLY A 131 13.25 15.14 28.78
CA GLY A 131 13.89 13.89 29.14
C GLY A 131 13.09 12.61 29.05
N GLN A 132 11.77 12.71 29.08
CA GLN A 132 10.88 11.55 29.00
C GLN A 132 10.02 11.55 27.75
N ALA A 133 10.38 10.70 26.79
CA ALA A 133 9.63 10.61 25.54
C ALA A 133 8.20 10.15 25.73
N HIS A 134 7.31 10.68 24.91
CA HIS A 134 5.89 10.32 24.92
C HIS A 134 5.18 10.47 26.26
N SER A 135 5.68 11.40 27.09
CA SER A 135 5.11 11.65 28.41
C SER A 135 3.78 12.41 28.46
N HIS A 136 3.38 13.02 27.34
CA HIS A 136 2.13 13.77 27.33
C HIS A 136 1.04 13.22 26.42
N ALA A 137 1.14 11.92 26.09
CA ALA A 137 0.14 11.27 25.26
C ALA A 137 -1.09 10.92 26.12
N SER A 138 -2.20 10.54 25.47
CA SER A 138 -3.44 10.21 26.18
C SER A 138 -3.76 11.26 27.25
N LEU A 139 -3.46 12.51 26.91
CA LEU A 139 -3.66 13.65 27.79
C LEU A 139 -4.54 14.70 27.11
N GLY A 140 -4.99 14.44 25.89
CA GLY A 140 -5.85 15.39 25.22
C GLY A 140 -5.43 15.96 23.88
N TRP A 141 -4.13 15.98 23.61
CA TRP A 141 -3.63 16.51 22.35
C TRP A 141 -4.12 15.75 21.12
N GLU A 142 -4.25 14.43 21.26
CA GLU A 142 -4.70 13.58 20.15
C GLU A 142 -6.10 13.93 19.71
N THR A 143 -6.97 14.22 20.67
CA THR A 143 -8.33 14.58 20.34
C THR A 143 -8.30 15.87 19.56
N PHE A 144 -7.49 16.81 20.04
CA PHE A 144 -7.37 18.10 19.39
C PHE A 144 -6.81 17.98 17.98
N THR A 145 -5.70 17.27 17.83
CA THR A 145 -5.13 17.11 16.50
C THR A 145 -6.03 16.29 15.61
N ASP A 146 -6.94 15.52 16.21
CA ASP A 146 -7.88 14.74 15.41
C ASP A 146 -8.86 15.73 14.78
N LYS A 147 -9.33 16.69 15.57
CA LYS A 147 -10.26 17.66 15.06
C LYS A 147 -9.59 18.52 13.99
N VAL A 148 -8.33 18.88 14.21
CA VAL A 148 -7.59 19.70 13.25
C VAL A 148 -7.52 19.02 11.88
N ILE A 149 -7.30 17.72 11.87
CA ILE A 149 -7.24 16.97 10.62
C ILE A 149 -8.64 16.84 10.03
N SER A 150 -9.63 16.82 10.92
CA SER A 150 -11.02 16.72 10.51
C SER A 150 -11.43 18.03 9.85
N LEU A 151 -10.94 19.14 10.39
CA LEU A 151 -11.23 20.45 9.85
C LEU A 151 -10.59 20.65 8.48
N ILE A 152 -9.40 20.12 8.30
CA ILE A 152 -8.70 20.24 7.02
C ILE A 152 -9.44 19.41 5.97
N ASN A 153 -9.85 18.20 6.35
CA ASN A 153 -10.58 17.30 5.46
C ASN A 153 -11.89 17.95 4.97
N GLN A 154 -12.48 18.73 5.87
CA GLN A 154 -13.75 19.41 5.68
C GLN A 154 -13.74 20.69 4.84
N HIS A 155 -13.05 21.71 5.35
CA HIS A 155 -13.01 23.01 4.68
C HIS A 155 -12.11 23.13 3.47
N ARG A 156 -11.17 22.21 3.34
CA ARG A 156 -10.22 22.22 2.23
C ARG A 156 -10.48 21.15 1.19
N GLU A 157 -9.71 21.19 0.12
CA GLU A 157 -9.87 20.25 -0.98
C GLU A 157 -8.52 20.08 -1.69
N GLY A 158 -8.14 18.82 -1.95
CA GLY A 158 -6.90 18.54 -2.65
C GLY A 158 -5.60 18.54 -1.88
N VAL A 159 -5.66 18.65 -0.55
CA VAL A 159 -4.45 18.66 0.28
C VAL A 159 -3.84 17.27 0.29
N VAL A 160 -2.52 17.20 0.08
CA VAL A 160 -1.83 15.92 0.08
C VAL A 160 -1.26 15.60 1.46
N PHE A 161 -1.73 14.48 2.03
CA PHE A 161 -1.30 14.02 3.34
C PHE A 161 -0.18 13.00 3.27
N LEU A 162 0.85 13.20 4.08
CA LEU A 162 1.98 12.26 4.10
C LEU A 162 2.00 11.58 5.45
N LEU A 163 1.44 10.37 5.50
CA LEU A 163 1.33 9.61 6.73
C LEU A 163 2.42 8.55 6.85
N TRP A 164 3.36 8.76 7.78
CA TRP A 164 4.48 7.85 8.02
C TRP A 164 4.36 7.09 9.32
N GLY A 165 4.45 5.76 9.24
CA GLY A 165 4.33 4.92 10.41
C GLY A 165 2.87 4.61 10.63
N SER A 166 2.58 3.48 11.26
CA SER A 166 1.19 3.05 11.53
C SER A 166 0.42 3.96 12.45
N HIS A 167 1.13 4.62 13.36
CA HIS A 167 0.49 5.53 14.30
C HIS A 167 -0.14 6.70 13.57
N ALA A 168 0.62 7.29 12.65
CA ALA A 168 0.16 8.42 11.85
C ALA A 168 -0.94 7.99 10.90
N GLN A 169 -0.73 6.83 10.25
CA GLN A 169 -1.69 6.27 9.32
C GLN A 169 -3.09 6.10 9.87
N LYS A 170 -3.21 5.96 11.18
CA LYS A 170 -4.52 5.80 11.80
C LYS A 170 -5.34 7.06 11.66
N LYS A 171 -4.67 8.19 11.47
CA LYS A 171 -5.37 9.45 11.31
C LYS A 171 -5.88 9.70 9.88
N GLY A 172 -5.73 8.71 9.01
CA GLY A 172 -6.22 8.85 7.65
C GLY A 172 -7.69 8.46 7.59
N ALA A 173 -8.16 7.80 8.64
CA ALA A 173 -9.54 7.35 8.75
C ALA A 173 -10.56 8.50 8.68
N ILE A 174 -10.14 9.68 9.08
CA ILE A 174 -11.03 10.84 9.03
C ILE A 174 -10.79 11.74 7.84
N ILE A 175 -10.11 11.20 6.83
CA ILE A 175 -9.79 11.93 5.60
C ILE A 175 -10.41 11.23 4.41
N ASP A 176 -11.28 11.94 3.69
CA ASP A 176 -11.94 11.40 2.50
C ASP A 176 -10.84 11.28 1.44
N LYS A 177 -10.55 10.05 1.05
CA LYS A 177 -9.51 9.77 0.07
C LYS A 177 -9.76 10.12 -1.39
N GLN A 178 -10.95 10.64 -1.68
CA GLN A 178 -11.27 11.06 -3.03
C GLN A 178 -11.23 12.57 -3.04
N ARG A 179 -11.41 13.15 -1.86
CA ARG A 179 -11.40 14.59 -1.66
C ARG A 179 -9.96 15.08 -1.50
N HIS A 180 -9.15 14.26 -0.81
CA HIS A 180 -7.75 14.56 -0.53
C HIS A 180 -6.81 13.44 -1.00
N HIS A 181 -5.55 13.78 -1.24
CA HIS A 181 -4.56 12.82 -1.68
C HIS A 181 -3.79 12.30 -0.47
N VAL A 182 -3.95 11.01 -0.16
CA VAL A 182 -3.27 10.42 0.99
C VAL A 182 -2.19 9.42 0.60
N LEU A 183 -0.97 9.71 1.03
CA LEU A 183 0.18 8.86 0.75
C LEU A 183 0.66 8.20 2.03
N LYS A 184 0.65 6.88 2.05
CA LYS A 184 1.08 6.11 3.20
C LYS A 184 2.46 5.47 3.00
N ALA A 185 3.20 5.30 4.08
CA ALA A 185 4.52 4.69 4.05
C ALA A 185 5.01 4.54 5.48
N PRO A 186 6.00 3.66 5.70
CA PRO A 186 6.51 3.48 7.06
C PRO A 186 7.33 4.67 7.54
N ASP A 187 7.49 4.74 8.85
CA ASP A 187 8.23 5.80 9.50
C ASP A 187 9.67 5.91 8.97
N PRO A 188 10.22 7.14 8.90
CA PRO A 188 11.60 7.31 8.42
C PRO A 188 12.67 6.96 9.47
N SER A 189 12.23 6.44 10.63
CA SER A 189 13.15 6.02 11.70
C SER A 189 14.12 5.00 11.12
N PRO A 190 15.41 5.05 11.51
CA PRO A 190 16.39 4.09 10.99
C PRO A 190 15.89 2.64 11.01
N LEU A 191 15.13 2.32 12.07
CA LEU A 191 14.59 0.98 12.25
C LEU A 191 13.62 0.56 11.16
N SER A 192 12.86 1.51 10.64
CA SER A 192 11.83 1.19 9.67
C SER A 192 11.91 1.80 8.28
N ALA A 193 12.91 2.65 8.02
CA ALA A 193 13.03 3.30 6.72
C ALA A 193 13.24 2.30 5.58
N HIS A 194 13.95 1.23 5.87
CA HIS A 194 14.28 0.19 4.90
C HIS A 194 13.16 -0.80 4.55
N ARG A 195 11.94 -0.57 5.03
CA ARG A 195 10.84 -1.46 4.71
C ARG A 195 9.71 -0.74 3.95
N GLY A 196 10.06 0.35 3.27
CA GLY A 196 9.05 1.06 2.51
C GLY A 196 9.21 2.57 2.41
N PHE A 197 9.92 3.20 3.34
CA PHE A 197 10.08 4.65 3.28
C PHE A 197 11.05 5.05 2.16
N PHE A 198 12.21 4.38 2.11
CA PHE A 198 13.18 4.64 1.06
C PHE A 198 12.55 4.19 -0.23
N GLY A 199 12.52 5.09 -1.20
CA GLY A 199 11.92 4.80 -2.48
C GLY A 199 10.43 5.07 -2.52
N CYS A 200 9.86 5.57 -1.43
CA CYS A 200 8.43 5.86 -1.40
C CYS A 200 8.09 6.98 -2.38
N ASN A 201 9.07 7.82 -2.69
CA ASN A 201 8.89 8.92 -3.63
C ASN A 201 7.83 9.93 -3.22
N HIS A 202 7.49 9.97 -1.93
CA HIS A 202 6.45 10.88 -1.43
C HIS A 202 6.59 12.34 -1.79
N PHE A 203 7.83 12.81 -1.80
CA PHE A 203 8.10 14.20 -2.10
C PHE A 203 7.83 14.64 -3.52
N VAL A 204 8.26 13.83 -4.48
CA VAL A 204 8.02 14.13 -5.87
C VAL A 204 6.54 13.88 -6.20
N LEU A 205 5.96 12.84 -5.62
CA LEU A 205 4.55 12.53 -5.86
C LEU A 205 3.69 13.66 -5.33
N ALA A 206 4.13 14.29 -4.24
CA ALA A 206 3.40 15.40 -3.63
C ALA A 206 3.36 16.61 -4.55
N ASN A 207 4.49 16.94 -5.16
CA ASN A 207 4.59 18.08 -6.07
C ASN A 207 3.86 17.86 -7.37
N GLN A 208 3.82 16.62 -7.85
CA GLN A 208 3.12 16.30 -9.08
C GLN A 208 1.62 16.51 -8.84
N TRP A 209 1.16 16.13 -7.66
CA TRP A 209 -0.25 16.31 -7.32
C TRP A 209 -0.57 17.78 -7.16
N LEU A 210 0.41 18.56 -6.73
CA LEU A 210 0.20 20.00 -6.55
C LEU A 210 0.19 20.76 -7.89
N GLU A 211 0.98 20.30 -8.86
CA GLU A 211 1.03 20.94 -10.17
C GLU A 211 -0.17 20.57 -11.04
N GLN A 212 -0.67 19.35 -10.88
CA GLN A 212 -1.83 18.86 -11.62
C GLN A 212 -3.11 19.48 -11.02
N ARG A 213 -2.94 20.44 -10.11
CA ARG A 213 -4.07 21.11 -9.46
C ARG A 213 -3.94 22.63 -9.45
N GLY A 214 -3.02 23.17 -10.23
CA GLY A 214 -2.86 24.60 -10.30
C GLY A 214 -1.97 25.24 -9.26
N GLU A 215 -1.71 24.52 -8.16
CA GLU A 215 -0.85 25.04 -7.08
C GLU A 215 0.65 25.00 -7.38
N THR A 216 1.37 25.92 -6.75
CA THR A 216 2.81 26.02 -6.91
C THR A 216 3.47 24.98 -6.01
N PRO A 217 4.38 24.17 -6.57
CA PRO A 217 5.09 23.13 -5.83
C PRO A 217 6.01 23.65 -4.72
N ILE A 218 6.35 22.74 -3.82
CA ILE A 218 7.21 23.03 -2.68
C ILE A 218 8.68 22.92 -3.08
N ASP A 219 9.49 23.82 -2.53
CA ASP A 219 10.94 23.78 -2.75
C ASP A 219 11.39 23.11 -1.45
N TRP A 220 11.70 21.82 -1.54
CA TRP A 220 12.10 21.04 -0.38
C TRP A 220 13.42 21.38 0.29
N MET A 221 14.26 22.17 -0.37
CA MET A 221 15.54 22.57 0.20
C MET A 221 15.25 23.62 1.28
N PRO A 222 15.48 23.26 2.56
CA PRO A 222 15.23 24.21 3.66
C PRO A 222 16.29 25.30 3.70
N VAL A 223 15.89 26.49 4.15
CA VAL A 223 16.79 27.63 4.24
C VAL A 223 16.93 28.13 5.67
N LEU A 224 18.08 28.73 5.95
CA LEU A 224 18.37 29.28 7.27
C LEU A 224 18.21 30.79 7.30
N PRO A 225 17.46 31.32 8.27
CA PRO A 225 17.30 32.78 8.35
C PRO A 225 18.60 33.35 8.93
N ALA A 226 18.94 34.58 8.53
CA ALA A 226 20.17 35.26 8.96
C ALA A 226 20.51 35.32 10.45
N GLU A 227 21.81 35.47 10.71
CA GLU A 227 22.44 35.56 12.05
C GLU A 227 22.00 34.56 13.12
N LEU B 5 -6.71 -35.83 -0.11
CA LEU B 5 -5.43 -35.19 0.34
C LEU B 5 -4.70 -34.60 -0.86
N THR B 6 -5.02 -35.11 -2.06
CA THR B 6 -4.43 -34.64 -3.31
C THR B 6 -5.54 -34.47 -4.35
N TRP B 7 -5.27 -33.69 -5.40
CA TRP B 7 -6.26 -33.45 -6.46
C TRP B 7 -6.68 -34.74 -7.13
N HIS B 8 -5.73 -35.63 -7.35
CA HIS B 8 -5.96 -36.92 -8.00
C HIS B 8 -7.04 -37.81 -7.35
N ASP B 9 -7.12 -37.76 -6.01
CA ASP B 9 -8.08 -38.56 -5.23
C ASP B 9 -9.49 -37.97 -5.19
N VAL B 10 -9.57 -36.66 -5.02
CA VAL B 10 -10.85 -35.96 -4.95
C VAL B 10 -11.56 -35.70 -6.30
N LEU B 11 -10.81 -35.28 -7.31
CA LEU B 11 -11.36 -34.99 -8.62
C LEU B 11 -11.67 -36.22 -9.49
N ALA B 12 -11.20 -37.38 -9.05
CA ALA B 12 -11.41 -38.63 -9.80
C ALA B 12 -12.86 -38.86 -10.17
N GLU B 13 -13.76 -38.44 -9.30
CA GLU B 13 -15.20 -38.58 -9.51
C GLU B 13 -15.69 -37.60 -10.57
N GLU B 14 -15.13 -36.40 -10.56
CA GLU B 14 -15.51 -35.36 -11.50
C GLU B 14 -14.92 -35.49 -12.90
N LYS B 15 -13.79 -36.18 -12.99
CA LYS B 15 -13.10 -36.37 -14.27
C LYS B 15 -13.75 -37.47 -15.12
N GLN B 16 -14.84 -38.04 -14.60
CA GLN B 16 -15.57 -39.10 -15.30
C GLN B 16 -16.98 -38.66 -15.66
N GLN B 17 -17.34 -37.43 -15.30
CA GLN B 17 -18.64 -36.87 -15.61
C GLN B 17 -18.69 -36.58 -17.09
N PRO B 18 -19.84 -36.80 -17.73
CA PRO B 18 -20.00 -36.54 -19.16
C PRO B 18 -19.56 -35.13 -19.60
N TYR B 19 -20.13 -34.12 -18.96
CA TYR B 19 -19.83 -32.72 -19.29
C TYR B 19 -18.32 -32.40 -19.33
N PHE B 20 -17.57 -32.94 -18.37
CA PHE B 20 -16.14 -32.70 -18.29
C PHE B 20 -15.32 -33.40 -19.37
N LEU B 21 -15.64 -34.66 -19.63
CA LEU B 21 -14.93 -35.44 -20.65
C LEU B 21 -15.21 -34.91 -22.05
N ASN B 22 -16.43 -34.39 -22.24
CA ASN B 22 -16.81 -33.82 -23.54
C ASN B 22 -16.11 -32.48 -23.71
N THR B 23 -15.95 -31.76 -22.62
CA THR B 23 -15.28 -30.48 -22.64
C THR B 23 -13.83 -30.66 -23.12
N LEU B 24 -13.10 -31.57 -22.47
CA LEU B 24 -11.71 -31.83 -22.84
C LEU B 24 -11.54 -32.24 -24.30
N GLN B 25 -12.42 -33.11 -24.79
CA GLN B 25 -12.35 -33.56 -26.16
C GLN B 25 -12.86 -32.55 -27.18
N THR B 26 -13.54 -31.51 -26.71
CA THR B 26 -14.02 -30.48 -27.61
C THR B 26 -12.83 -29.55 -27.88
N VAL B 27 -12.05 -29.30 -26.83
CA VAL B 27 -10.86 -28.46 -26.91
C VAL B 27 -9.82 -29.15 -27.80
N ALA B 28 -9.55 -30.41 -27.52
CA ALA B 28 -8.59 -31.19 -28.30
C ALA B 28 -9.04 -31.24 -29.75
N SER B 29 -10.35 -31.28 -29.94
CA SER B 29 -10.95 -31.32 -31.27
C SER B 29 -10.52 -30.10 -32.07
N GLU B 30 -10.79 -28.92 -31.52
CA GLU B 30 -10.42 -27.67 -32.16
C GLU B 30 -8.91 -27.53 -32.36
N ARG B 31 -8.12 -28.05 -31.42
CA ARG B 31 -6.67 -27.99 -31.53
C ARG B 31 -6.19 -28.74 -32.75
N GLN B 32 -6.80 -29.90 -33.00
CA GLN B 32 -6.46 -30.74 -34.14
C GLN B 32 -6.96 -30.17 -35.47
N SER B 33 -8.00 -29.34 -35.40
CA SER B 33 -8.58 -28.72 -36.59
C SER B 33 -7.62 -27.64 -37.10
N GLY B 34 -6.74 -27.19 -36.22
CA GLY B 34 -5.78 -26.16 -36.58
C GLY B 34 -6.02 -24.83 -35.89
N VAL B 35 -7.03 -24.79 -35.02
CA VAL B 35 -7.36 -23.58 -34.26
C VAL B 35 -6.35 -23.43 -33.12
N THR B 36 -5.74 -22.26 -33.02
CA THR B 36 -4.76 -22.00 -31.96
C THR B 36 -5.46 -21.74 -30.65
N ILE B 37 -5.29 -22.66 -29.70
CA ILE B 37 -5.92 -22.55 -28.41
C ILE B 37 -4.89 -22.40 -27.30
N TYR B 38 -5.09 -21.38 -26.46
CA TYR B 38 -4.19 -21.10 -25.34
C TYR B 38 -4.82 -21.49 -23.99
N PRO B 39 -3.99 -21.92 -23.03
CA PRO B 39 -2.53 -22.06 -23.15
C PRO B 39 -2.22 -23.41 -23.81
N PRO B 40 -0.96 -23.64 -24.24
CA PRO B 40 -0.64 -24.92 -24.88
C PRO B 40 -1.18 -26.09 -24.05
N GLN B 41 -1.61 -27.14 -24.74
CA GLN B 41 -2.18 -28.33 -24.12
C GLN B 41 -1.45 -28.87 -22.89
N LYS B 42 -0.13 -28.79 -22.92
CA LYS B 42 0.75 -29.26 -21.84
C LYS B 42 0.68 -28.36 -20.60
N ASP B 43 0.03 -27.21 -20.72
CA ASP B 43 -0.07 -26.26 -19.61
C ASP B 43 -1.47 -26.01 -19.02
N VAL B 44 -2.52 -26.62 -19.58
CA VAL B 44 -3.89 -26.38 -19.10
C VAL B 44 -4.13 -26.59 -17.61
N PHE B 45 -3.55 -27.65 -17.04
CA PHE B 45 -3.76 -27.95 -15.63
C PHE B 45 -2.59 -27.65 -14.71
N ASN B 46 -1.74 -26.69 -15.10
CA ASN B 46 -0.57 -26.26 -14.32
C ASN B 46 -0.87 -25.78 -12.90
N ALA B 47 -2.01 -25.11 -12.71
CA ALA B 47 -2.37 -24.61 -11.38
C ALA B 47 -2.39 -25.76 -10.36
N PHE B 48 -2.82 -26.93 -10.83
CA PHE B 48 -2.91 -28.15 -10.01
C PHE B 48 -1.56 -28.85 -9.86
N ARG B 49 -0.68 -28.66 -10.84
CA ARG B 49 0.64 -29.27 -10.80
C ARG B 49 1.56 -28.59 -9.77
N PHE B 50 1.58 -27.27 -9.75
CA PHE B 50 2.43 -26.54 -8.81
C PHE B 50 1.85 -26.46 -7.42
N THR B 51 0.52 -26.51 -7.33
CA THR B 51 -0.16 -26.42 -6.05
C THR B 51 -1.07 -27.60 -5.85
N GLU B 52 -0.68 -28.47 -4.93
CA GLU B 52 -1.44 -29.67 -4.58
C GLU B 52 -2.50 -29.26 -3.56
N LEU B 53 -3.60 -30.01 -3.47
CA LEU B 53 -4.69 -29.70 -2.52
C LEU B 53 -4.25 -29.54 -1.06
N GLY B 54 -3.41 -30.46 -0.58
CA GLY B 54 -2.95 -30.38 0.80
C GLY B 54 -2.06 -29.18 1.10
N ASP B 55 -1.63 -28.47 0.06
CA ASP B 55 -0.75 -27.31 0.22
C ASP B 55 -1.46 -25.97 0.02
N VAL B 56 -2.68 -25.98 -0.49
CA VAL B 56 -3.41 -24.75 -0.76
C VAL B 56 -3.55 -23.83 0.44
N LYS B 57 -2.85 -22.69 0.39
CA LYS B 57 -2.91 -21.69 1.45
C LYS B 57 -3.84 -20.55 1.04
N VAL B 58 -3.61 -20.00 -0.15
CA VAL B 58 -4.42 -18.91 -0.67
C VAL B 58 -5.00 -19.30 -2.04
N VAL B 59 -6.17 -18.77 -2.37
CA VAL B 59 -6.80 -19.04 -3.65
C VAL B 59 -7.17 -17.73 -4.31
N ILE B 60 -6.54 -17.44 -5.46
CA ILE B 60 -6.82 -16.23 -6.22
C ILE B 60 -7.51 -16.64 -7.52
N LEU B 61 -8.75 -16.19 -7.69
CA LEU B 61 -9.53 -16.53 -8.87
C LEU B 61 -9.30 -15.64 -10.07
N GLY B 62 -9.14 -16.27 -11.23
CA GLY B 62 -8.95 -15.54 -12.47
C GLY B 62 -10.20 -15.81 -13.29
N GLN B 63 -10.20 -15.38 -14.56
CA GLN B 63 -11.36 -15.61 -15.42
C GLN B 63 -10.98 -16.59 -16.51
N ASP B 64 -10.39 -16.11 -17.60
CA ASP B 64 -9.96 -17.04 -18.63
C ASP B 64 -8.53 -16.74 -19.03
N PRO B 65 -7.84 -17.68 -19.71
CA PRO B 65 -6.45 -17.45 -20.12
C PRO B 65 -6.27 -16.24 -21.03
N TYR B 66 -5.06 -15.68 -21.05
CA TYR B 66 -4.75 -14.55 -21.92
C TYR B 66 -4.88 -15.10 -23.34
N HIS B 67 -5.46 -14.32 -24.23
CA HIS B 67 -5.68 -14.76 -25.61
C HIS B 67 -4.60 -14.34 -26.63
N GLY B 68 -3.48 -13.83 -26.14
CA GLY B 68 -2.40 -13.43 -27.02
C GLY B 68 -1.32 -14.50 -27.09
N PRO B 69 -0.34 -14.39 -28.02
CA PRO B 69 0.76 -15.34 -28.22
C PRO B 69 1.79 -15.38 -27.09
N GLY B 70 2.07 -16.58 -26.59
CA GLY B 70 3.04 -16.78 -25.54
C GLY B 70 2.79 -16.12 -24.18
N GLN B 71 1.57 -15.66 -23.92
CA GLN B 71 1.22 -15.01 -22.65
C GLN B 71 0.86 -16.01 -21.57
N ALA B 72 -0.28 -16.67 -21.75
CA ALA B 72 -0.80 -17.66 -20.81
C ALA B 72 0.02 -18.94 -20.75
N HIS B 73 0.08 -19.53 -19.56
CA HIS B 73 0.84 -20.76 -19.37
C HIS B 73 0.30 -21.69 -18.28
N GLY B 74 -0.96 -21.52 -17.91
CA GLY B 74 -1.54 -22.41 -16.90
C GLY B 74 -1.96 -21.79 -15.59
N LEU B 75 -1.37 -20.64 -15.25
CA LEU B 75 -1.69 -19.94 -14.01
C LEU B 75 -2.48 -18.67 -14.27
N ALA B 76 -3.36 -18.33 -13.34
CA ALA B 76 -4.16 -17.12 -13.46
C ALA B 76 -3.27 -15.91 -13.28
N PHE B 77 -3.49 -14.88 -14.09
CA PHE B 77 -2.74 -13.64 -14.01
C PHE B 77 -1.27 -13.70 -14.44
N SER B 78 -0.61 -14.81 -14.16
CA SER B 78 0.80 -14.96 -14.52
C SER B 78 1.03 -15.08 -16.03
N VAL B 79 2.12 -14.47 -16.50
CA VAL B 79 2.53 -14.53 -17.91
C VAL B 79 3.99 -14.98 -17.95
N ARG B 80 4.41 -15.60 -19.04
CA ARG B 80 5.79 -16.06 -19.14
C ARG B 80 6.76 -14.88 -19.13
N PRO B 81 8.03 -15.12 -18.75
CA PRO B 81 9.03 -14.05 -18.73
C PRO B 81 9.29 -13.61 -20.16
N GLY B 82 9.64 -12.34 -20.35
CA GLY B 82 9.89 -11.83 -21.69
C GLY B 82 8.61 -11.41 -22.40
N ILE B 83 7.57 -11.15 -21.60
CA ILE B 83 6.26 -10.72 -22.08
C ILE B 83 5.89 -9.51 -21.22
N ALA B 84 5.37 -8.46 -21.85
CA ALA B 84 4.98 -7.27 -21.10
C ALA B 84 3.96 -7.65 -20.02
N ILE B 85 4.18 -7.14 -18.82
CA ILE B 85 3.30 -7.38 -17.68
C ILE B 85 1.93 -6.75 -17.98
N PRO B 86 0.85 -7.56 -17.98
CA PRO B 86 -0.49 -7.05 -18.25
C PRO B 86 -0.91 -5.97 -17.26
N PRO B 87 -1.84 -5.09 -17.67
CA PRO B 87 -2.32 -4.01 -16.80
C PRO B 87 -2.82 -4.47 -15.44
N SER B 88 -3.54 -5.59 -15.40
CA SER B 88 -4.07 -6.13 -14.14
C SER B 88 -2.95 -6.58 -13.21
N LEU B 89 -1.98 -7.33 -13.75
CA LEU B 89 -0.85 -7.81 -12.97
C LEU B 89 0.02 -6.62 -12.50
N LEU B 90 0.14 -5.62 -13.37
CA LEU B 90 0.91 -4.42 -13.06
C LEU B 90 0.27 -3.72 -11.85
N ASN B 91 -1.06 -3.71 -11.82
CA ASN B 91 -1.79 -3.09 -10.73
C ASN B 91 -1.66 -3.89 -9.45
N MET B 92 -1.49 -5.20 -9.62
CA MET B 92 -1.31 -6.08 -8.47
C MET B 92 0.07 -5.79 -7.90
N TYR B 93 1.02 -5.50 -8.79
CA TYR B 93 2.38 -5.17 -8.39
C TYR B 93 2.41 -3.86 -7.63
N LYS B 94 1.64 -2.88 -8.09
CA LYS B 94 1.58 -1.58 -7.46
C LYS B 94 0.99 -1.65 -6.06
N GLU B 95 0.02 -2.54 -5.86
CA GLU B 95 -0.59 -2.73 -4.55
C GLU B 95 0.37 -3.47 -3.63
N LEU B 96 1.25 -4.27 -4.22
CA LEU B 96 2.23 -5.02 -3.44
C LEU B 96 3.35 -4.13 -2.91
N GLU B 97 3.76 -3.15 -3.71
CA GLU B 97 4.83 -2.22 -3.34
C GLU B 97 4.38 -1.30 -2.23
N ASN B 98 3.11 -0.91 -2.30
CA ASN B 98 2.53 -0.01 -1.32
C ASN B 98 2.12 -0.68 -0.01
N THR B 99 2.25 -2.01 0.07
CA THR B 99 1.83 -2.73 1.28
C THR B 99 2.85 -3.71 1.89
N ILE B 100 3.59 -4.41 1.05
CA ILE B 100 4.58 -5.37 1.52
C ILE B 100 5.98 -4.76 1.56
N PRO B 101 6.57 -4.67 2.76
CA PRO B 101 7.90 -4.11 2.99
C PRO B 101 8.95 -4.88 2.22
N GLY B 102 9.85 -4.17 1.56
CA GLY B 102 10.91 -4.81 0.80
C GLY B 102 10.56 -5.28 -0.60
N PHE B 103 9.32 -5.04 -1.04
CA PHE B 103 8.88 -5.45 -2.37
C PHE B 103 9.40 -4.48 -3.42
N THR B 104 9.97 -5.03 -4.49
CA THR B 104 10.51 -4.27 -5.60
C THR B 104 9.76 -4.71 -6.85
N ARG B 105 9.42 -3.77 -7.72
CA ARG B 105 8.70 -4.08 -8.95
C ARG B 105 9.45 -5.12 -9.78
N PRO B 106 8.84 -6.30 -9.97
CA PRO B 106 9.45 -7.37 -10.74
C PRO B 106 9.58 -6.97 -12.20
N ASN B 107 10.50 -7.61 -12.90
CA ASN B 107 10.71 -7.32 -14.32
C ASN B 107 9.97 -8.33 -15.19
N HIS B 108 9.11 -9.13 -14.56
CA HIS B 108 8.36 -10.16 -15.27
C HIS B 108 7.02 -10.41 -14.59
N GLY B 109 6.16 -11.15 -15.27
CA GLY B 109 4.86 -11.47 -14.71
C GLY B 109 4.76 -12.95 -14.40
N TYR B 110 5.91 -13.56 -14.10
CA TYR B 110 5.95 -14.97 -13.78
C TYR B 110 5.67 -15.14 -12.30
N LEU B 111 4.52 -15.72 -11.99
CA LEU B 111 4.10 -15.92 -10.61
C LEU B 111 4.10 -17.39 -10.20
N GLU B 112 5.03 -18.17 -10.74
CA GLU B 112 5.12 -19.58 -10.39
C GLU B 112 5.67 -19.72 -8.97
N SER B 113 6.46 -18.74 -8.51
CA SER B 113 7.03 -18.77 -7.18
C SER B 113 5.91 -18.75 -6.13
N TRP B 114 4.78 -18.14 -6.51
CA TRP B 114 3.60 -18.04 -5.64
C TRP B 114 2.87 -19.39 -5.58
N ALA B 115 2.69 -20.00 -6.75
CA ALA B 115 2.01 -21.28 -6.85
C ALA B 115 2.70 -22.31 -5.97
N ARG B 116 4.02 -22.22 -5.91
CA ARG B 116 4.84 -23.15 -5.14
C ARG B 116 4.82 -22.94 -3.63
N GLN B 117 4.24 -21.83 -3.19
CA GLN B 117 4.13 -21.52 -1.77
C GLN B 117 2.75 -21.86 -1.25
N GLY B 118 1.85 -22.24 -2.15
CA GLY B 118 0.51 -22.59 -1.73
C GLY B 118 -0.57 -21.67 -2.25
N VAL B 119 -0.17 -20.76 -3.13
CA VAL B 119 -1.12 -19.83 -3.73
C VAL B 119 -1.68 -20.46 -4.99
N LEU B 120 -2.98 -20.78 -4.97
CA LEU B 120 -3.65 -21.39 -6.10
C LEU B 120 -4.16 -20.30 -7.05
N LEU B 121 -3.56 -20.24 -8.24
CA LEU B 121 -3.93 -19.25 -9.25
C LEU B 121 -4.81 -19.94 -10.29
N LEU B 122 -6.08 -20.10 -9.93
CA LEU B 122 -7.03 -20.77 -10.76
C LEU B 122 -7.96 -19.87 -11.55
N ASN B 123 -7.95 -20.03 -12.86
CA ASN B 123 -8.83 -19.30 -13.76
C ASN B 123 -10.13 -20.12 -13.73
N THR B 124 -11.28 -19.47 -13.89
CA THR B 124 -12.55 -20.19 -13.88
C THR B 124 -12.82 -20.92 -15.20
N VAL B 125 -12.13 -20.48 -16.25
CA VAL B 125 -12.22 -21.07 -17.58
C VAL B 125 -10.78 -21.43 -17.92
N LEU B 126 -10.51 -22.70 -18.19
CA LEU B 126 -9.16 -23.15 -18.45
C LEU B 126 -8.56 -23.05 -19.85
N THR B 127 -9.33 -22.59 -20.84
CA THR B 127 -8.81 -22.42 -22.21
C THR B 127 -9.48 -21.25 -22.92
N VAL B 128 -8.98 -20.94 -24.12
CA VAL B 128 -9.51 -19.84 -24.92
C VAL B 128 -8.92 -19.89 -26.34
N ARG B 129 -9.73 -19.56 -27.34
CA ARG B 129 -9.22 -19.54 -28.71
C ARG B 129 -8.45 -18.24 -28.85
N ALA B 130 -7.37 -18.28 -29.62
CA ALA B 130 -6.52 -17.10 -29.87
C ALA B 130 -7.28 -15.87 -30.34
N GLY B 131 -7.02 -14.73 -29.70
CA GLY B 131 -7.66 -13.48 -30.07
C GLY B 131 -9.15 -13.36 -29.76
N GLN B 132 -9.78 -14.47 -29.38
CA GLN B 132 -11.20 -14.46 -29.08
C GLN B 132 -11.43 -14.71 -27.60
N ALA B 133 -11.52 -13.62 -26.84
CA ALA B 133 -11.71 -13.68 -25.40
C ALA B 133 -13.02 -14.34 -24.96
N HIS B 134 -12.97 -15.04 -23.83
CA HIS B 134 -14.14 -15.69 -23.24
C HIS B 134 -14.85 -16.62 -24.24
N SER B 135 -14.09 -17.10 -25.22
CA SER B 135 -14.63 -17.98 -26.26
C SER B 135 -14.96 -19.40 -25.80
N HIS B 136 -14.35 -19.83 -24.71
CA HIS B 136 -14.62 -21.17 -24.20
C HIS B 136 -15.45 -21.18 -22.96
N ALA B 137 -16.15 -20.07 -22.73
CA ALA B 137 -17.04 -19.94 -21.60
C ALA B 137 -18.25 -20.83 -21.96
N SER B 138 -19.06 -21.18 -20.98
CA SER B 138 -20.22 -22.05 -21.20
C SER B 138 -19.85 -23.24 -22.12
N LEU B 139 -18.83 -23.95 -21.69
CA LEU B 139 -18.34 -25.12 -22.38
C LEU B 139 -18.18 -26.17 -21.29
N GLY B 140 -18.05 -25.72 -20.04
CA GLY B 140 -17.93 -26.64 -18.93
C GLY B 140 -16.87 -26.36 -17.90
N TRP B 141 -15.93 -25.47 -18.21
CA TRP B 141 -14.86 -25.13 -17.28
C TRP B 141 -15.37 -24.56 -15.97
N GLU B 142 -16.42 -23.75 -16.06
CA GLU B 142 -17.05 -23.13 -14.90
C GLU B 142 -17.56 -24.17 -13.90
N THR B 143 -18.18 -25.23 -14.43
CA THR B 143 -18.72 -26.30 -13.59
C THR B 143 -17.60 -27.05 -12.89
N PHE B 144 -16.51 -27.29 -13.62
CA PHE B 144 -15.35 -28.00 -13.09
C PHE B 144 -14.58 -27.18 -12.04
N THR B 145 -14.29 -25.93 -12.37
CA THR B 145 -13.57 -25.07 -11.44
C THR B 145 -14.47 -24.72 -10.24
N ASP B 146 -15.78 -24.82 -10.44
CA ASP B 146 -16.75 -24.59 -9.37
C ASP B 146 -16.57 -25.73 -8.38
N LYS B 147 -16.53 -26.95 -8.93
CA LYS B 147 -16.34 -28.15 -8.13
C LYS B 147 -15.03 -28.10 -7.34
N VAL B 148 -14.00 -27.49 -7.94
CA VAL B 148 -12.68 -27.36 -7.30
C VAL B 148 -12.78 -26.48 -6.04
N ILE B 149 -13.45 -25.34 -6.18
CA ILE B 149 -13.63 -24.40 -5.08
C ILE B 149 -14.48 -25.05 -3.97
N SER B 150 -15.38 -25.92 -4.40
CA SER B 150 -16.28 -26.64 -3.51
C SER B 150 -15.54 -27.70 -2.70
N LEU B 151 -14.57 -28.36 -3.32
CA LEU B 151 -13.77 -29.39 -2.66
C LEU B 151 -12.75 -28.75 -1.71
N ILE B 152 -12.20 -27.59 -2.10
CA ILE B 152 -11.24 -26.89 -1.25
C ILE B 152 -11.98 -26.48 0.02
N ASN B 153 -13.17 -25.95 -0.17
CA ASN B 153 -14.01 -25.51 0.93
C ASN B 153 -14.26 -26.62 1.97
N GLN B 154 -14.58 -27.82 1.50
CA GLN B 154 -14.88 -28.97 2.35
C GLN B 154 -13.70 -29.73 2.98
N HIS B 155 -12.81 -30.26 2.14
CA HIS B 155 -11.66 -31.05 2.59
C HIS B 155 -10.51 -30.27 3.23
N ARG B 156 -10.45 -28.98 2.97
CA ARG B 156 -9.41 -28.13 3.54
C ARG B 156 -9.99 -27.32 4.68
N GLU B 157 -9.12 -26.62 5.39
CA GLU B 157 -9.52 -25.78 6.51
C GLU B 157 -8.69 -24.50 6.56
N GLY B 158 -9.34 -23.39 6.91
CA GLY B 158 -8.66 -22.11 7.03
C GLY B 158 -7.93 -21.53 5.84
N VAL B 159 -8.52 -21.64 4.66
CA VAL B 159 -7.91 -21.10 3.45
C VAL B 159 -8.42 -19.68 3.24
N VAL B 160 -7.56 -18.82 2.72
CA VAL B 160 -7.94 -17.44 2.44
C VAL B 160 -8.17 -17.34 0.93
N PHE B 161 -9.35 -16.86 0.56
CA PHE B 161 -9.78 -16.67 -0.84
C PHE B 161 -9.77 -15.21 -1.22
N LEU B 162 -9.08 -14.86 -2.31
CA LEU B 162 -9.06 -13.47 -2.78
C LEU B 162 -9.96 -13.38 -4.00
N LEU B 163 -11.17 -12.86 -3.79
CA LEU B 163 -12.15 -12.75 -4.88
C LEU B 163 -12.24 -11.32 -5.38
N TRP B 164 -11.70 -11.10 -6.58
CA TRP B 164 -11.69 -9.79 -7.19
C TRP B 164 -12.71 -9.71 -8.30
N GLY B 165 -13.50 -8.64 -8.30
CA GLY B 165 -14.53 -8.48 -9.31
C GLY B 165 -15.79 -9.20 -8.85
N SER B 166 -16.95 -8.67 -9.21
CA SER B 166 -18.23 -9.26 -8.82
C SER B 166 -18.41 -10.72 -9.27
N HIS B 167 -17.81 -11.09 -10.39
CA HIS B 167 -17.91 -12.46 -10.92
C HIS B 167 -17.30 -13.50 -9.99
N ALA B 168 -16.06 -13.28 -9.58
CA ALA B 168 -15.36 -14.19 -8.68
C ALA B 168 -15.98 -14.18 -7.28
N GLN B 169 -16.57 -13.04 -6.91
CA GLN B 169 -17.21 -12.91 -5.60
C GLN B 169 -18.44 -13.79 -5.51
N LYS B 170 -19.12 -13.96 -6.64
CA LYS B 170 -20.30 -14.81 -6.71
C LYS B 170 -19.93 -16.27 -6.47
N LYS B 171 -18.79 -16.69 -6.99
CA LYS B 171 -18.34 -18.06 -6.79
C LYS B 171 -17.96 -18.36 -5.33
N GLY B 172 -17.94 -17.32 -4.50
CA GLY B 172 -17.60 -17.49 -3.10
C GLY B 172 -18.79 -17.67 -2.19
N ALA B 173 -19.98 -17.75 -2.77
CA ALA B 173 -21.20 -17.91 -1.99
C ALA B 173 -21.21 -19.27 -1.33
N ILE B 174 -20.60 -20.25 -1.99
CA ILE B 174 -20.53 -21.62 -1.51
C ILE B 174 -19.36 -21.89 -0.56
N ILE B 175 -18.85 -20.82 0.06
CA ILE B 175 -17.73 -20.93 0.99
C ILE B 175 -18.15 -20.58 2.42
N ASP B 176 -17.66 -21.38 3.37
CA ASP B 176 -17.96 -21.20 4.77
C ASP B 176 -17.08 -20.07 5.33
N LYS B 177 -17.70 -18.95 5.68
CA LYS B 177 -17.01 -17.77 6.22
C LYS B 177 -16.43 -17.90 7.63
N GLN B 178 -16.69 -19.03 8.28
CA GLN B 178 -16.16 -19.29 9.61
C GLN B 178 -14.93 -20.16 9.41
N ARG B 179 -15.07 -21.17 8.56
CA ARG B 179 -13.97 -22.09 8.27
C ARG B 179 -12.89 -21.45 7.41
N HIS B 180 -13.29 -20.61 6.46
CA HIS B 180 -12.33 -19.94 5.58
C HIS B 180 -12.46 -18.40 5.60
N HIS B 181 -11.34 -17.74 5.33
CA HIS B 181 -11.30 -16.27 5.30
C HIS B 181 -11.50 -15.82 3.86
N VAL B 182 -12.58 -15.10 3.60
CA VAL B 182 -12.86 -14.60 2.25
C VAL B 182 -12.66 -13.09 2.15
N LEU B 183 -11.77 -12.68 1.26
CA LEU B 183 -11.48 -11.27 1.06
C LEU B 183 -11.99 -10.82 -0.29
N LYS B 184 -12.92 -9.87 -0.28
CA LYS B 184 -13.51 -9.35 -1.52
C LYS B 184 -12.96 -7.97 -1.87
N ALA B 185 -12.93 -7.69 -3.17
CA ALA B 185 -12.47 -6.41 -3.68
C ALA B 185 -12.79 -6.34 -5.18
N PRO B 186 -12.78 -5.11 -5.76
CA PRO B 186 -13.07 -4.96 -7.19
C PRO B 186 -11.93 -5.53 -8.03
N ASP B 187 -12.15 -5.58 -9.33
CA ASP B 187 -11.16 -6.09 -10.26
C ASP B 187 -9.86 -5.26 -10.27
N PRO B 188 -8.71 -5.93 -10.46
CA PRO B 188 -7.40 -5.26 -10.51
C PRO B 188 -7.25 -4.47 -11.81
N SER B 189 -8.19 -4.70 -12.74
CA SER B 189 -8.23 -4.04 -14.05
C SER B 189 -8.16 -2.52 -13.88
N PRO B 190 -7.47 -1.83 -14.80
CA PRO B 190 -7.34 -0.36 -14.73
C PRO B 190 -8.69 0.32 -14.50
N LEU B 191 -9.70 -0.16 -15.22
CA LEU B 191 -11.07 0.35 -15.14
C LEU B 191 -11.67 0.35 -13.74
N SER B 192 -11.36 -0.68 -12.95
CA SER B 192 -11.94 -0.82 -11.61
C SER B 192 -10.95 -0.80 -10.46
N ALA B 193 -9.66 -0.59 -10.77
CA ALA B 193 -8.61 -0.57 -9.75
C ALA B 193 -8.60 0.59 -8.76
N HIS B 194 -9.07 1.75 -9.19
CA HIS B 194 -9.10 2.94 -8.31
C HIS B 194 -10.40 3.04 -7.51
N ARG B 195 -11.29 2.08 -7.73
CA ARG B 195 -12.57 2.03 -7.06
C ARG B 195 -12.59 1.10 -5.84
N GLY B 196 -11.43 0.61 -5.40
CA GLY B 196 -11.43 -0.27 -4.25
C GLY B 196 -10.36 -1.34 -4.22
N PHE B 197 -9.77 -1.65 -5.37
CA PHE B 197 -8.71 -2.65 -5.38
C PHE B 197 -7.48 -2.04 -4.73
N PHE B 198 -7.05 -0.89 -5.24
CA PHE B 198 -5.89 -0.22 -4.66
C PHE B 198 -6.24 0.16 -3.23
N GLY B 199 -5.47 -0.38 -2.29
CA GLY B 199 -5.71 -0.09 -0.88
C GLY B 199 -6.53 -1.15 -0.18
N CYS B 200 -6.79 -2.28 -0.85
CA CYS B 200 -7.56 -3.36 -0.24
C CYS B 200 -6.77 -4.19 0.77
N ASN B 201 -5.44 -4.06 0.74
CA ASN B 201 -4.53 -4.78 1.64
C ASN B 201 -4.64 -6.31 1.63
N HIS B 202 -5.12 -6.86 0.52
CA HIS B 202 -5.30 -8.29 0.40
C HIS B 202 -4.08 -9.14 0.62
N PHE B 203 -2.94 -8.70 0.10
CA PHE B 203 -1.70 -9.46 0.25
C PHE B 203 -1.18 -9.47 1.70
N VAL B 204 -1.35 -8.35 2.41
CA VAL B 204 -0.94 -8.26 3.81
C VAL B 204 -1.99 -8.90 4.71
N LEU B 205 -3.28 -8.75 4.37
CA LEU B 205 -4.36 -9.32 5.17
C LEU B 205 -4.29 -10.84 5.14
N ALA B 206 -3.93 -11.36 3.97
CA ALA B 206 -3.81 -12.80 3.73
C ALA B 206 -2.71 -13.38 4.60
N ASN B 207 -1.55 -12.74 4.57
CA ASN B 207 -0.40 -13.17 5.37
C ASN B 207 -0.68 -13.09 6.85
N GLN B 208 -1.32 -12.00 7.28
CA GLN B 208 -1.65 -11.80 8.68
C GLN B 208 -2.54 -12.94 9.18
N TRP B 209 -3.41 -13.44 8.32
CA TRP B 209 -4.29 -14.55 8.66
C TRP B 209 -3.50 -15.86 8.75
N LEU B 210 -2.54 -16.05 7.85
CA LEU B 210 -1.72 -17.27 7.84
C LEU B 210 -0.88 -17.37 9.11
N GLU B 211 -0.45 -16.22 9.64
CA GLU B 211 0.35 -16.16 10.87
C GLU B 211 -0.54 -16.43 12.08
N GLN B 212 -1.77 -15.94 12.01
CA GLN B 212 -2.78 -16.10 13.05
C GLN B 212 -3.09 -17.59 13.27
N ARG B 213 -2.90 -18.41 12.24
CA ARG B 213 -3.16 -19.84 12.33
C ARG B 213 -1.90 -20.67 12.44
N GLY B 214 -0.77 -20.00 12.72
CA GLY B 214 0.49 -20.69 12.86
C GLY B 214 1.17 -21.20 11.60
N GLU B 215 0.66 -20.82 10.43
CA GLU B 215 1.25 -21.26 9.17
C GLU B 215 2.20 -20.23 8.57
N THR B 216 3.09 -20.70 7.71
CA THR B 216 4.08 -19.85 7.05
C THR B 216 3.46 -18.84 6.09
N PRO B 217 3.92 -17.58 6.16
CA PRO B 217 3.41 -16.53 5.29
C PRO B 217 3.93 -16.72 3.85
N ILE B 218 3.30 -16.05 2.91
CA ILE B 218 3.70 -16.12 1.50
C ILE B 218 4.68 -14.97 1.24
N ASP B 219 5.65 -15.22 0.37
CA ASP B 219 6.59 -14.17 -0.02
C ASP B 219 5.97 -13.71 -1.33
N TRP B 220 5.35 -12.54 -1.33
CA TRP B 220 4.71 -12.04 -2.53
C TRP B 220 5.65 -11.55 -3.61
N MET B 221 6.96 -11.51 -3.30
CA MET B 221 7.94 -11.09 -4.30
C MET B 221 8.20 -12.27 -5.25
N PRO B 222 7.74 -12.17 -6.51
CA PRO B 222 7.97 -13.26 -7.46
C PRO B 222 9.42 -13.41 -7.91
N VAL B 223 9.91 -14.64 -7.88
CA VAL B 223 11.28 -14.93 -8.28
C VAL B 223 11.28 -16.10 -9.27
N LEU B 224 12.24 -16.08 -10.20
CA LEU B 224 12.35 -17.15 -11.19
C LEU B 224 12.96 -18.40 -10.57
N PRO B 225 12.40 -19.58 -10.90
CA PRO B 225 12.85 -20.89 -10.42
C PRO B 225 14.23 -21.26 -10.96
N ALA B 226 14.95 -22.08 -10.20
CA ALA B 226 16.27 -22.53 -10.61
C ALA B 226 16.12 -23.91 -11.26
N ASN C 3 19.51 5.71 33.71
CA ASN C 3 18.80 6.24 32.52
C ASN C 3 19.04 5.41 31.26
N LEU C 4 18.42 5.81 30.15
CA LEU C 4 18.54 5.09 28.89
C LEU C 4 19.91 5.22 28.27
N SER C 5 20.54 6.37 28.43
CA SER C 5 21.86 6.60 27.86
C SER C 5 22.90 5.62 28.42
N ASP C 6 22.77 5.29 29.70
CA ASP C 6 23.68 4.35 30.36
C ASP C 6 23.54 2.95 29.80
N ILE C 7 22.30 2.53 29.54
CA ILE C 7 22.02 1.21 28.99
C ILE C 7 22.72 1.07 27.65
N ILE C 8 22.86 2.19 26.94
CA ILE C 8 23.55 2.19 25.65
C ILE C 8 25.03 1.96 25.89
N GLU C 9 25.58 2.66 26.90
CA GLU C 9 26.99 2.56 27.26
C GLU C 9 27.30 1.22 27.91
N LYS C 10 26.29 0.63 28.57
CA LYS C 10 26.42 -0.66 29.24
C LYS C 10 26.62 -1.83 28.26
N GLU C 11 25.97 -1.75 27.11
CA GLU C 11 26.04 -2.80 26.09
C GLU C 11 27.07 -2.54 24.99
N THR C 12 27.36 -1.28 24.71
CA THR C 12 28.30 -0.95 23.64
C THR C 12 29.58 -0.24 24.08
N GLY C 13 29.53 0.44 25.23
CA GLY C 13 30.70 1.15 25.73
C GLY C 13 30.82 2.54 25.15
N LYS C 14 29.87 2.91 24.30
CA LYS C 14 29.87 4.23 23.69
C LYS C 14 28.87 5.16 24.36
N GLN C 15 29.34 6.38 24.63
CA GLN C 15 28.56 7.40 25.31
C GLN C 15 27.83 8.26 24.27
N LEU C 16 26.51 8.11 24.18
CA LEU C 16 25.73 8.85 23.18
C LEU C 16 24.49 9.52 23.73
N VAL C 17 24.05 10.56 23.04
CA VAL C 17 22.85 11.27 23.46
C VAL C 17 21.69 10.87 22.56
N ILE C 18 20.55 10.57 23.17
CA ILE C 18 19.36 10.17 22.45
C ILE C 18 18.73 11.41 21.80
N GLN C 19 18.71 11.40 20.46
CA GLN C 19 18.18 12.52 19.66
C GLN C 19 16.67 12.49 19.39
N GLU C 20 16.11 11.29 19.33
CA GLU C 20 14.68 11.13 19.09
C GLU C 20 14.20 9.80 19.65
N SER C 21 12.90 9.72 19.95
CA SER C 21 12.29 8.50 20.48
C SER C 21 10.98 8.34 19.72
N ILE C 22 11.04 7.50 18.68
CA ILE C 22 9.90 7.23 17.81
C ILE C 22 9.03 6.06 18.24
N LEU C 23 7.75 6.36 18.48
CA LEU C 23 6.77 5.37 18.89
C LEU C 23 6.42 4.45 17.73
N MET C 24 6.35 3.15 18.03
CA MET C 24 6.01 2.14 17.02
C MET C 24 5.11 1.02 17.54
N LEU C 25 4.07 0.71 16.76
CA LEU C 25 3.10 -0.32 17.10
C LEU C 25 3.70 -1.72 16.92
N PRO C 26 3.22 -2.72 17.69
CA PRO C 26 3.67 -4.12 17.66
C PRO C 26 3.91 -4.73 16.28
N GLU C 27 2.97 -4.50 15.36
CA GLU C 27 3.07 -5.01 13.99
C GLU C 27 4.28 -4.44 13.24
N GLU C 28 4.52 -3.15 13.39
CA GLU C 28 5.65 -2.48 12.73
C GLU C 28 7.00 -3.04 13.13
N VAL C 29 7.27 -3.12 14.43
CA VAL C 29 8.56 -3.63 14.90
C VAL C 29 8.64 -5.16 14.86
N GLU C 30 7.53 -5.81 14.53
CA GLU C 30 7.52 -7.27 14.45
C GLU C 30 8.30 -7.76 13.24
N GLU C 31 8.12 -7.08 12.11
CA GLU C 31 8.81 -7.43 10.87
C GLU C 31 10.31 -7.32 11.06
N VAL C 32 10.78 -6.09 11.25
CA VAL C 32 12.19 -5.82 11.43
C VAL C 32 12.88 -6.65 12.52
N ILE C 33 12.40 -6.57 13.75
CA ILE C 33 12.99 -7.33 14.85
C ILE C 33 12.83 -8.84 14.67
N GLY C 34 11.66 -9.26 14.19
CA GLY C 34 11.39 -10.68 14.03
C GLY C 34 10.95 -11.21 15.38
N ASN C 35 9.97 -10.52 15.97
CA ASN C 35 9.42 -10.87 17.29
C ASN C 35 8.42 -9.74 17.60
N LYS C 36 7.16 -10.10 17.80
CA LYS C 36 6.12 -9.11 18.09
C LYS C 36 6.10 -8.75 19.58
N PRO C 37 6.23 -7.45 19.90
CA PRO C 37 6.21 -6.97 21.29
C PRO C 37 4.78 -6.95 21.84
N GLU C 38 4.68 -7.05 23.16
CA GLU C 38 3.38 -7.07 23.83
C GLU C 38 2.58 -5.77 23.78
N SER C 39 3.28 -4.65 23.63
CA SER C 39 2.64 -3.33 23.57
C SER C 39 3.40 -2.38 22.66
N ASP C 40 3.02 -1.11 22.69
CA ASP C 40 3.66 -0.08 21.87
C ASP C 40 5.09 0.08 22.34
N ILE C 41 6.00 0.16 21.38
CA ILE C 41 7.43 0.32 21.62
C ILE C 41 7.95 1.70 21.24
N LEU C 42 8.94 2.20 21.99
CA LEU C 42 9.57 3.50 21.68
C LEU C 42 10.98 3.20 21.19
N VAL C 43 11.28 3.59 19.96
CA VAL C 43 12.60 3.35 19.41
C VAL C 43 13.49 4.55 19.74
N HIS C 44 14.28 4.40 20.81
CA HIS C 44 15.19 5.45 21.26
C HIS C 44 16.44 5.45 20.37
N THR C 45 16.52 6.44 19.49
CA THR C 45 17.62 6.55 18.52
C THR C 45 18.72 7.59 18.80
N ALA C 46 19.95 7.12 18.69
CA ALA C 46 21.13 7.94 18.91
C ALA C 46 22.09 7.65 17.77
N TYR C 47 22.76 8.67 17.27
CA TYR C 47 23.70 8.50 16.17
C TYR C 47 25.13 8.58 16.71
N ASP C 48 26.02 7.74 16.18
CA ASP C 48 27.43 7.70 16.60
C ASP C 48 28.32 7.95 15.39
N GLU C 49 28.55 9.21 15.04
CA GLU C 49 29.37 9.57 13.88
C GLU C 49 30.77 8.92 13.85
N SER C 50 31.24 8.50 15.03
CA SER C 50 32.53 7.85 15.14
C SER C 50 32.59 6.59 14.27
N THR C 51 31.45 5.90 14.17
CA THR C 51 31.35 4.66 13.38
C THR C 51 30.23 4.70 12.32
N ASP C 52 29.57 5.84 12.18
CA ASP C 52 28.45 6.04 11.24
C ASP C 52 27.31 5.03 11.49
N GLU C 53 27.22 4.57 12.73
CA GLU C 53 26.20 3.62 13.12
C GLU C 53 25.04 4.32 13.82
N ASN C 54 23.88 3.67 13.82
CA ASN C 54 22.70 4.16 14.50
C ASN C 54 22.41 3.17 15.62
N VAL C 55 22.50 3.64 16.86
CA VAL C 55 22.22 2.79 18.01
C VAL C 55 20.79 3.09 18.43
N MET C 56 19.94 2.07 18.38
CA MET C 56 18.54 2.24 18.75
C MET C 56 18.21 1.36 19.93
N LEU C 57 17.74 1.99 21.00
CA LEU C 57 17.38 1.26 22.19
C LEU C 57 15.86 1.23 22.19
N LEU C 58 15.28 0.04 22.03
CA LEU C 58 13.83 -0.11 22.02
C LEU C 58 13.31 -0.45 23.42
N THR C 59 12.33 0.31 23.89
CA THR C 59 11.73 0.10 25.21
C THR C 59 10.20 0.09 25.10
N SER C 60 9.52 -0.25 26.18
CA SER C 60 8.08 -0.20 26.15
C SER C 60 7.74 1.28 26.27
N ASP C 61 6.46 1.62 26.21
CA ASP C 61 6.03 3.01 26.29
C ASP C 61 6.26 3.63 27.65
N ALA C 62 5.99 4.92 27.74
CA ALA C 62 6.13 5.70 28.98
C ALA C 62 5.06 5.26 29.97
N PRO C 63 5.35 5.33 31.29
CA PRO C 63 6.61 5.77 31.93
C PRO C 63 7.54 4.63 32.33
N GLU C 64 7.15 3.40 31.99
CA GLU C 64 7.95 2.23 32.32
C GLU C 64 9.29 2.21 31.61
N TYR C 65 9.26 2.38 30.29
CA TYR C 65 10.47 2.36 29.47
C TYR C 65 11.26 1.07 29.71
N LYS C 66 10.55 -0.06 29.78
CA LYS C 66 11.18 -1.34 30.01
C LYS C 66 12.02 -1.73 28.80
N PRO C 67 13.36 -1.84 28.99
CA PRO C 67 14.29 -2.21 27.91
C PRO C 67 13.85 -3.51 27.23
N TRP C 68 13.67 -3.46 25.92
CA TRP C 68 13.23 -4.63 25.17
C TRP C 68 14.33 -5.24 24.31
N ALA C 69 15.09 -4.40 23.61
CA ALA C 69 16.18 -4.84 22.73
C ALA C 69 17.11 -3.68 22.34
N LEU C 70 18.27 -4.02 21.80
CA LEU C 70 19.26 -3.05 21.35
C LEU C 70 19.56 -3.36 19.88
N VAL C 71 19.34 -2.39 19.01
CA VAL C 71 19.59 -2.55 17.59
C VAL C 71 20.66 -1.57 17.10
N ILE C 72 21.67 -2.10 16.41
CA ILE C 72 22.74 -1.28 15.86
C ILE C 72 22.73 -1.42 14.34
N GLN C 73 22.69 -0.29 13.66
CA GLN C 73 22.66 -0.28 12.21
C GLN C 73 23.91 0.41 11.68
N ASP C 74 24.60 -0.23 10.74
CA ASP C 74 25.82 0.35 10.18
C ASP C 74 25.62 1.20 8.93
N SER C 75 26.74 1.58 8.31
CA SER C 75 26.75 2.40 7.09
C SER C 75 26.18 1.66 5.88
N ASN C 76 25.70 0.45 6.10
CA ASN C 76 25.11 -0.36 5.05
C ASN C 76 23.65 -0.66 5.38
N GLY C 77 23.14 0.03 6.41
CA GLY C 77 21.76 -0.16 6.81
C GLY C 77 21.45 -1.56 7.31
N GLU C 78 22.47 -2.22 7.84
CA GLU C 78 22.33 -3.59 8.36
C GLU C 78 22.32 -3.61 9.87
N ASN C 79 21.26 -4.19 10.42
CA ASN C 79 21.10 -4.26 11.87
C ASN C 79 21.81 -5.44 12.54
N LYS C 80 22.16 -5.24 13.80
CA LYS C 80 22.79 -6.25 14.63
C LYS C 80 21.87 -6.18 15.84
N ILE C 81 20.88 -7.07 15.86
CA ILE C 81 19.90 -7.14 16.93
C ILE C 81 20.37 -7.94 18.14
N LYS C 82 20.06 -7.42 19.32
CA LYS C 82 20.45 -8.04 20.58
C LYS C 82 19.31 -7.90 21.60
N MET C 83 18.67 -9.02 21.93
CA MET C 83 17.56 -9.01 22.89
C MET C 83 18.08 -8.63 24.29
N LEU C 84 17.28 -7.85 25.02
CA LEU C 84 17.65 -7.41 26.36
C LEU C 84 16.80 -8.08 27.45
N ASN D 3 -11.90 -8.48 -35.85
CA ASN D 3 -10.78 -8.16 -34.92
C ASN D 3 -11.00 -6.83 -34.21
N LEU D 4 -10.87 -6.88 -32.88
CA LEU D 4 -11.07 -5.73 -32.02
C LEU D 4 -9.93 -4.71 -32.14
N SER D 5 -8.72 -5.21 -32.37
CA SER D 5 -7.53 -4.35 -32.48
C SER D 5 -7.63 -3.29 -33.58
N ASP D 6 -8.44 -3.59 -34.60
CA ASP D 6 -8.64 -2.67 -35.72
C ASP D 6 -9.44 -1.45 -35.26
N ILE D 7 -10.48 -1.71 -34.48
CA ILE D 7 -11.35 -0.67 -33.94
C ILE D 7 -10.57 0.37 -33.10
N ILE D 8 -9.44 -0.05 -32.54
CA ILE D 8 -8.60 0.84 -31.74
C ILE D 8 -7.86 1.85 -32.64
N GLU D 9 -7.51 1.42 -33.85
CA GLU D 9 -6.82 2.28 -34.80
C GLU D 9 -7.63 3.54 -35.05
N LYS D 10 -8.94 3.35 -35.23
CA LYS D 10 -9.87 4.43 -35.51
C LYS D 10 -9.82 5.74 -34.70
N GLU D 11 -9.71 5.67 -33.37
CA GLU D 11 -9.61 6.91 -32.58
C GLU D 11 -8.22 7.28 -32.09
N THR D 12 -7.47 6.33 -31.55
CA THR D 12 -6.12 6.60 -31.05
C THR D 12 -5.13 6.86 -32.19
N GLY D 13 -5.40 6.26 -33.34
CA GLY D 13 -4.50 6.44 -34.47
C GLY D 13 -3.26 5.59 -34.32
N LYS D 14 -2.92 5.26 -33.08
CA LYS D 14 -1.76 4.42 -32.79
C LYS D 14 -2.19 2.96 -32.66
N GLN D 15 -1.45 2.08 -33.34
CA GLN D 15 -1.73 0.65 -33.32
C GLN D 15 -1.27 0.03 -31.99
N LEU D 16 -2.23 -0.40 -31.19
CA LEU D 16 -1.93 -1.00 -29.89
C LEU D 16 -2.45 -2.43 -29.75
N VAL D 17 -1.68 -3.24 -29.04
CA VAL D 17 -2.02 -4.65 -28.81
C VAL D 17 -2.85 -4.84 -27.56
N ILE D 18 -3.92 -5.64 -27.68
CA ILE D 18 -4.79 -5.94 -26.55
C ILE D 18 -4.10 -7.00 -25.70
N GLN D 19 -3.74 -6.62 -24.47
CA GLN D 19 -3.05 -7.52 -23.54
C GLN D 19 -3.94 -8.36 -22.64
N GLU D 20 -5.16 -7.91 -22.39
CA GLU D 20 -6.08 -8.65 -21.55
C GLU D 20 -7.49 -8.21 -21.88
N SER D 21 -8.45 -9.09 -21.61
CA SER D 21 -9.86 -8.79 -21.84
C SER D 21 -10.55 -9.26 -20.57
N ILE D 22 -10.92 -8.29 -19.73
CA ILE D 22 -11.56 -8.58 -18.45
C ILE D 22 -13.09 -8.47 -18.47
N LEU D 23 -13.74 -9.54 -18.01
CA LEU D 23 -15.19 -9.61 -17.93
C LEU D 23 -15.69 -8.86 -16.69
N MET D 24 -16.69 -8.01 -16.87
CA MET D 24 -17.28 -7.23 -15.78
C MET D 24 -18.79 -7.13 -15.88
N LEU D 25 -19.48 -7.21 -14.74
CA LEU D 25 -20.95 -7.13 -14.74
C LEU D 25 -21.44 -5.69 -14.90
N PRO D 26 -22.69 -5.50 -15.38
CA PRO D 26 -23.29 -4.18 -15.60
C PRO D 26 -23.08 -3.18 -14.47
N GLU D 27 -23.44 -3.58 -13.26
CA GLU D 27 -23.27 -2.73 -12.09
C GLU D 27 -21.81 -2.37 -11.82
N GLU D 28 -20.88 -3.13 -12.39
CA GLU D 28 -19.45 -2.87 -12.20
C GLU D 28 -18.93 -1.75 -13.09
N VAL D 29 -19.45 -1.69 -14.32
CA VAL D 29 -19.03 -0.66 -15.26
C VAL D 29 -19.87 0.62 -15.23
N GLU D 30 -21.12 0.51 -14.80
CA GLU D 30 -22.02 1.67 -14.73
C GLU D 30 -21.50 2.66 -13.71
N GLU D 31 -20.80 2.14 -12.70
CA GLU D 31 -20.24 2.94 -11.62
C GLU D 31 -19.11 3.83 -12.14
N VAL D 32 -18.49 3.39 -13.23
CA VAL D 32 -17.38 4.11 -13.86
C VAL D 32 -17.81 4.86 -15.12
N ILE D 33 -18.42 4.14 -16.05
CA ILE D 33 -18.88 4.71 -17.32
C ILE D 33 -20.14 5.59 -17.16
N GLY D 34 -20.77 5.53 -15.98
CA GLY D 34 -21.97 6.30 -15.74
C GLY D 34 -23.07 5.94 -16.72
N ASN D 35 -23.28 4.65 -16.89
CA ASN D 35 -24.30 4.15 -17.80
C ASN D 35 -24.37 2.65 -17.61
N LYS D 36 -25.55 2.14 -17.24
CA LYS D 36 -25.72 0.71 -17.02
C LYS D 36 -25.92 -0.09 -18.29
N PRO D 37 -24.91 -0.90 -18.69
CA PRO D 37 -25.04 -1.70 -19.90
C PRO D 37 -26.01 -2.81 -19.52
N GLU D 38 -26.89 -3.19 -20.43
CA GLU D 38 -27.85 -4.22 -20.09
C GLU D 38 -27.31 -5.63 -20.00
N SER D 39 -26.05 -5.81 -20.39
CA SER D 39 -25.44 -7.14 -20.34
C SER D 39 -23.93 -7.07 -20.11
N ASP D 40 -23.39 -8.17 -19.57
CA ASP D 40 -21.97 -8.32 -19.28
C ASP D 40 -21.03 -7.67 -20.29
N ILE D 41 -19.90 -7.17 -19.79
CA ILE D 41 -18.93 -6.46 -20.62
C ILE D 41 -17.49 -6.95 -20.52
N LEU D 42 -16.80 -6.92 -21.65
CA LEU D 42 -15.40 -7.29 -21.74
C LEU D 42 -14.58 -5.99 -21.87
N VAL D 43 -13.64 -5.80 -20.96
CA VAL D 43 -12.79 -4.62 -20.96
C VAL D 43 -11.47 -4.95 -21.64
N HIS D 44 -11.43 -4.80 -22.97
CA HIS D 44 -10.24 -5.06 -23.77
C HIS D 44 -9.23 -3.97 -23.50
N THR D 45 -8.20 -4.29 -22.72
CA THR D 45 -7.19 -3.31 -22.34
C THR D 45 -5.85 -3.41 -23.07
N ALA D 46 -5.37 -2.27 -23.53
CA ALA D 46 -4.10 -2.13 -24.24
C ALA D 46 -3.32 -1.02 -23.53
N TYR D 47 -2.02 -0.95 -23.77
CA TYR D 47 -1.19 0.07 -23.13
C TYR D 47 -0.48 0.98 -24.14
N ASP D 48 -0.59 2.29 -23.91
CA ASP D 48 0.04 3.29 -24.76
C ASP D 48 1.28 3.80 -24.04
N GLU D 49 2.41 3.16 -24.31
CA GLU D 49 3.70 3.52 -23.71
C GLU D 49 4.09 4.97 -24.03
N SER D 50 3.47 5.53 -25.06
CA SER D 50 3.74 6.90 -25.47
C SER D 50 3.12 7.86 -24.45
N THR D 51 1.80 8.03 -24.53
CA THR D 51 1.07 8.94 -23.64
C THR D 51 0.92 8.39 -22.22
N ASP D 52 1.56 7.25 -21.94
CA ASP D 52 1.52 6.59 -20.63
C ASP D 52 0.08 6.52 -20.12
N GLU D 53 -0.76 5.82 -20.88
CA GLU D 53 -2.16 5.69 -20.55
C GLU D 53 -2.76 4.37 -21.05
N ASN D 54 -3.63 3.77 -20.24
CA ASN D 54 -4.29 2.51 -20.61
C ASN D 54 -5.49 2.78 -21.52
N VAL D 55 -5.53 2.09 -22.65
CA VAL D 55 -6.62 2.21 -23.61
C VAL D 55 -7.52 0.98 -23.52
N MET D 56 -8.80 1.21 -23.21
CA MET D 56 -9.77 0.13 -23.05
C MET D 56 -10.96 0.24 -24.01
N LEU D 57 -11.35 -0.90 -24.58
CA LEU D 57 -12.48 -0.98 -25.49
C LEU D 57 -13.46 -1.94 -24.83
N LEU D 58 -14.69 -1.50 -24.63
CA LEU D 58 -15.70 -2.34 -24.02
C LEU D 58 -16.68 -2.87 -25.05
N THR D 59 -16.77 -4.20 -25.16
CA THR D 59 -17.71 -4.82 -26.10
C THR D 59 -18.68 -5.69 -25.29
N SER D 60 -19.68 -6.25 -25.95
CA SER D 60 -20.60 -7.12 -25.26
C SER D 60 -19.88 -8.47 -25.15
N ASP D 61 -20.50 -9.42 -24.45
CA ASP D 61 -19.89 -10.75 -24.28
C ASP D 61 -19.92 -11.57 -25.58
N ALA D 62 -19.11 -12.63 -25.62
CA ALA D 62 -19.02 -13.50 -26.79
C ALA D 62 -20.35 -14.21 -27.10
N PRO D 63 -20.52 -14.69 -28.34
CA PRO D 63 -19.57 -14.61 -29.46
C PRO D 63 -19.81 -13.36 -30.29
N GLU D 64 -20.38 -12.34 -29.66
CA GLU D 64 -20.72 -11.07 -30.30
C GLU D 64 -19.61 -10.03 -30.40
N TYR D 65 -19.14 -9.55 -29.25
CA TYR D 65 -18.10 -8.52 -29.17
C TYR D 65 -18.61 -7.21 -29.73
N LYS D 66 -19.90 -6.93 -29.51
CA LYS D 66 -20.56 -5.72 -29.99
C LYS D 66 -20.01 -4.52 -29.24
N PRO D 67 -19.28 -3.63 -29.94
CA PRO D 67 -18.70 -2.44 -29.29
C PRO D 67 -19.79 -1.62 -28.61
N TRP D 68 -19.44 -1.01 -27.48
CA TRP D 68 -20.38 -0.20 -26.73
C TRP D 68 -19.76 1.05 -26.14
N ALA D 69 -18.45 1.03 -25.93
CA ALA D 69 -17.76 2.20 -25.37
C ALA D 69 -16.26 2.15 -25.62
N LEU D 70 -15.57 3.20 -25.16
CA LEU D 70 -14.11 3.32 -25.31
C LEU D 70 -13.58 4.27 -24.24
N VAL D 71 -12.70 3.76 -23.38
CA VAL D 71 -12.14 4.56 -22.28
C VAL D 71 -10.61 4.62 -22.28
N ILE D 72 -10.07 5.82 -22.01
CA ILE D 72 -8.61 6.05 -21.96
C ILE D 72 -8.25 6.59 -20.57
N GLN D 73 -7.58 5.77 -19.77
CA GLN D 73 -7.19 6.18 -18.42
C GLN D 73 -5.73 6.62 -18.32
N ASP D 74 -5.50 7.86 -17.90
CA ASP D 74 -4.13 8.40 -17.77
C ASP D 74 -3.39 8.04 -16.48
N SER D 75 -2.31 8.77 -16.21
CA SER D 75 -1.46 8.57 -15.03
C SER D 75 -2.20 8.63 -13.69
N ASN D 76 -2.95 9.71 -13.48
CA ASN D 76 -3.69 9.92 -12.25
C ASN D 76 -4.81 8.88 -12.08
N GLY D 77 -5.35 8.43 -13.20
CA GLY D 77 -6.42 7.46 -13.17
C GLY D 77 -7.74 8.08 -13.58
N GLU D 78 -7.66 9.06 -14.48
CA GLU D 78 -8.84 9.75 -14.96
C GLU D 78 -9.25 9.16 -16.31
N ASN D 79 -10.56 9.04 -16.51
CA ASN D 79 -11.10 8.44 -17.72
C ASN D 79 -11.70 9.40 -18.75
N LYS D 80 -11.51 9.07 -20.02
CA LYS D 80 -12.03 9.87 -21.13
C LYS D 80 -13.02 8.98 -21.88
N ILE D 81 -14.20 8.78 -21.32
CA ILE D 81 -15.23 7.93 -21.93
C ILE D 81 -15.69 8.44 -23.30
N LYS D 82 -16.15 7.51 -24.14
CA LYS D 82 -16.62 7.82 -25.49
C LYS D 82 -17.65 6.75 -25.86
N MET D 83 -18.88 7.18 -26.15
CA MET D 83 -19.96 6.27 -26.51
C MET D 83 -19.88 5.73 -27.93
N LEU D 84 -20.31 4.48 -28.10
CA LEU D 84 -20.30 3.80 -29.40
C LEU D 84 -21.53 2.91 -29.53
#